data_2Q92
#
_entry.id   2Q92
#
_cell.length_a   38.137
_cell.length_b   60.984
_cell.length_c   50.693
_cell.angle_alpha   90.000
_cell.angle_beta   104.930
_cell.angle_gamma   90.000
#
_symmetry.space_group_name_H-M   'P 1 21 1'
#
loop_
_entity.id
_entity.type
_entity.pdbx_description
1 polymer 'Methionine aminopeptidase'
2 non-polymer 'MANGANESE (II) ION'
3 non-polymer 'SODIUM ION'
4 non-polymer '5-(2-NITROPHENYL)-2-FUROIC ACID'
5 water water
#
_entity_poly.entity_id   1
_entity_poly.type   'polypeptide(L)'
_entity_poly.pdbx_seq_one_letter_code
;AISIKTPEDIEKMRVAGRLAAEVLEMIEPYVKPGVSTGELDRICNDYIVNEQHAVSACLGYHGYPKSVCISINEVVCHGI
PDDAKLLKDGDIVNIDVTVIKDGFHGDTSKMFIVGKPTIMGERLCRITQESLYLALRMVKPGINLREIGAAIQKFVEAEG
FSVVREYCGHGIGRGFHEEPQVLHYDSRETNVVLKPGMTFTIEPMVNAGKKEIRTMKDGWTVKTKDRSLSAQYEHTIVVT
DNGCEILTLRKDDTIPAIISHD
;
_entity_poly.pdbx_strand_id   A
#
loop_
_chem_comp.id
_chem_comp.type
_chem_comp.name
_chem_comp.formula
B23 non-polymer '5-(2-NITROPHENYL)-2-FUROIC ACID' 'C11 H7 N O5'
MN non-polymer 'MANGANESE (II) ION' 'Mn 2'
NA non-polymer 'SODIUM ION' 'Na 1'
#
# COMPACT_ATOMS: atom_id res chain seq x y z
N ALA A 1 -8.08 -11.83 16.55
CA ALA A 1 -8.55 -10.75 17.46
C ALA A 1 -7.61 -9.54 17.41
N ILE A 2 -8.19 -8.35 17.28
CA ILE A 2 -7.42 -7.10 17.23
C ILE A 2 -6.66 -6.88 18.54
N SER A 3 -5.34 -6.89 18.48
CA SER A 3 -4.54 -6.71 19.68
C SER A 3 -3.82 -5.36 19.75
N ILE A 4 -3.44 -4.98 20.96
CA ILE A 4 -2.71 -3.75 21.21
C ILE A 4 -1.23 -4.11 21.32
N LYS A 5 -0.40 -3.54 20.46
CA LYS A 5 1.03 -3.83 20.50
C LYS A 5 1.70 -3.19 21.69
N THR A 6 2.66 -3.92 22.27
CA THR A 6 3.42 -3.42 23.42
C THR A 6 4.48 -2.47 22.90
N PRO A 7 5.08 -1.67 23.79
CA PRO A 7 6.13 -0.71 23.40
C PRO A 7 7.26 -1.44 22.67
N GLU A 8 7.54 -2.66 23.11
CA GLU A 8 8.59 -3.48 22.50
C GLU A 8 8.17 -3.87 21.09
N ASP A 9 6.95 -4.40 20.96
CA ASP A 9 6.45 -4.81 19.65
C ASP A 9 6.37 -3.62 18.70
N ILE A 10 5.91 -2.48 19.21
CA ILE A 10 5.81 -1.28 18.39
C ILE A 10 7.19 -0.91 17.83
N GLU A 11 8.21 -1.01 18.66
CA GLU A 11 9.56 -0.71 18.22
C GLU A 11 10.00 -1.68 17.13
N LYS A 12 9.61 -2.94 17.25
CA LYS A 12 9.98 -3.91 16.22
C LYS A 12 9.24 -3.55 14.93
N MET A 13 8.04 -3.01 15.08
CA MET A 13 7.23 -2.61 13.92
C MET A 13 7.90 -1.42 13.23
N ARG A 14 8.48 -0.51 14.03
CA ARG A 14 9.16 0.64 13.46
C ARG A 14 10.31 0.17 12.58
N VAL A 15 11.03 -0.85 13.04
CA VAL A 15 12.17 -1.38 12.30
C VAL A 15 11.69 -2.05 11.01
N ALA A 16 10.68 -2.90 11.11
CA ALA A 16 10.15 -3.58 9.93
C ALA A 16 9.57 -2.57 8.94
N GLY A 17 8.83 -1.59 9.46
CA GLY A 17 8.23 -0.58 8.61
C GLY A 17 9.29 0.23 7.88
N ARG A 18 10.37 0.54 8.58
CA ARG A 18 11.46 1.32 8.01
C ARG A 18 12.10 0.55 6.85
N LEU A 19 12.36 -0.74 7.07
CA LEU A 19 12.98 -1.58 6.04
C LEU A 19 12.10 -1.64 4.80
N ALA A 20 10.80 -1.80 4.99
CA ALA A 20 9.89 -1.87 3.84
C ALA A 20 9.95 -0.57 3.06
N ALA A 21 9.92 0.55 3.76
CA ALA A 21 9.98 1.86 3.13
C ALA A 21 11.31 2.04 2.38
N GLU A 22 12.38 1.50 2.93
CA GLU A 22 13.70 1.63 2.31
C GLU A 22 13.87 0.79 1.05
N VAL A 23 13.03 -0.22 0.86
CA VAL A 23 13.10 -1.03 -0.35
C VAL A 23 12.57 -0.14 -1.49
N LEU A 24 11.52 0.60 -1.19
CA LEU A 24 10.90 1.50 -2.16
C LEU A 24 11.85 2.66 -2.50
N GLU A 25 12.58 3.14 -1.50
CA GLU A 25 13.53 4.22 -1.75
C GLU A 25 14.69 3.70 -2.62
N MET A 26 15.15 2.50 -2.32
CA MET A 26 16.24 1.88 -3.07
C MET A 26 15.92 1.59 -4.53
N ILE A 27 14.71 1.12 -4.81
CA ILE A 27 14.34 0.75 -6.17
C ILE A 27 14.02 1.91 -7.12
N GLU A 28 13.71 3.06 -6.55
CA GLU A 28 13.35 4.26 -7.32
C GLU A 28 14.18 4.54 -8.57
N PRO A 29 15.53 4.53 -8.46
CA PRO A 29 16.40 4.80 -9.61
C PRO A 29 16.29 3.75 -10.71
N TYR A 30 15.90 2.54 -10.35
CA TYR A 30 15.78 1.46 -11.32
C TYR A 30 14.48 1.52 -12.12
N VAL A 31 13.51 2.27 -11.63
CA VAL A 31 12.22 2.36 -12.31
C VAL A 31 12.30 3.33 -13.48
N LYS A 32 12.86 2.83 -14.59
CA LYS A 32 13.02 3.63 -15.80
C LYS A 32 12.56 2.85 -17.02
N PRO A 33 12.29 3.56 -18.14
CA PRO A 33 11.84 2.90 -19.37
C PRO A 33 12.82 1.83 -19.81
N GLY A 34 12.31 0.65 -20.14
CA GLY A 34 13.16 -0.43 -20.59
C GLY A 34 13.45 -1.54 -19.61
N VAL A 35 13.22 -1.30 -18.31
CA VAL A 35 13.48 -2.32 -17.31
C VAL A 35 12.29 -3.27 -17.20
N SER A 36 12.55 -4.52 -16.85
CA SER A 36 11.48 -5.51 -16.71
C SER A 36 11.04 -5.60 -15.24
N THR A 37 9.76 -5.85 -15.02
CA THR A 37 9.27 -5.97 -13.65
C THR A 37 9.96 -7.16 -12.98
N GLY A 38 10.40 -8.10 -13.80
CA GLY A 38 11.09 -9.28 -13.28
C GLY A 38 12.40 -8.91 -12.61
N GLU A 39 13.26 -8.17 -13.29
CA GLU A 39 14.53 -7.79 -12.71
C GLU A 39 14.31 -6.88 -11.49
N LEU A 40 13.30 -6.02 -11.55
CA LEU A 40 13.01 -5.13 -10.43
C LEU A 40 12.73 -5.98 -9.19
N ASP A 41 12.01 -7.07 -9.38
CA ASP A 41 11.69 -7.98 -8.28
C ASP A 41 12.97 -8.62 -7.73
N ARG A 42 13.81 -9.11 -8.62
CA ARG A 42 15.05 -9.75 -8.20
C ARG A 42 15.90 -8.75 -7.42
N ILE A 43 15.91 -7.51 -7.88
CA ILE A 43 16.67 -6.45 -7.22
C ILE A 43 16.12 -6.22 -5.82
N CYS A 44 14.80 -6.22 -5.68
CA CYS A 44 14.18 -6.01 -4.38
C CYS A 44 14.50 -7.16 -3.43
N ASN A 45 14.39 -8.40 -3.91
CA ASN A 45 14.65 -9.53 -3.04
C ASN A 45 16.11 -9.61 -2.61
N ASP A 46 17.04 -9.34 -3.54
CA ASP A 46 18.45 -9.38 -3.19
C ASP A 46 18.72 -8.41 -2.05
N TYR A 47 18.13 -7.23 -2.15
CA TYR A 47 18.30 -6.19 -1.15
C TYR A 47 17.71 -6.60 0.20
N ILE A 48 16.49 -7.11 0.18
CA ILE A 48 15.81 -7.52 1.39
C ILE A 48 16.57 -8.62 2.13
N VAL A 49 16.99 -9.65 1.40
CA VAL A 49 17.71 -10.76 2.00
C VAL A 49 19.17 -10.46 2.39
N ASN A 50 19.94 -10.00 1.41
CA ASN A 50 21.36 -9.72 1.61
C ASN A 50 21.75 -8.46 2.37
N GLU A 51 21.01 -7.39 2.19
CA GLU A 51 21.34 -6.15 2.87
C GLU A 51 20.53 -5.90 4.13
N GLN A 52 19.22 -6.11 4.05
CA GLN A 52 18.36 -5.89 5.20
C GLN A 52 18.33 -7.09 6.12
N HIS A 53 18.78 -8.24 5.62
CA HIS A 53 18.78 -9.47 6.41
C HIS A 53 17.37 -9.73 6.92
N ALA A 54 16.41 -9.57 6.01
CA ALA A 54 15.01 -9.79 6.30
C ALA A 54 14.48 -10.72 5.23
N VAL A 55 13.17 -10.91 5.20
CA VAL A 55 12.55 -11.77 4.20
C VAL A 55 11.26 -11.16 3.69
N SER A 56 10.96 -11.39 2.41
CA SER A 56 9.71 -10.88 1.84
C SER A 56 8.59 -11.73 2.39
N ALA A 57 7.49 -11.10 2.80
CA ALA A 57 6.34 -11.83 3.34
C ALA A 57 5.41 -12.32 2.22
N CYS A 58 5.54 -11.74 1.04
CA CYS A 58 4.69 -12.10 -0.09
C CYS A 58 5.10 -13.41 -0.76
N LEU A 59 6.40 -13.59 -0.94
CA LEU A 59 6.92 -14.79 -1.58
C LEU A 59 6.36 -16.04 -0.91
N GLY A 60 5.41 -16.69 -1.57
CA GLY A 60 4.81 -17.89 -1.04
C GLY A 60 3.47 -17.71 -0.34
N TYR A 61 3.11 -16.46 -0.05
CA TYR A 61 1.85 -16.16 0.61
C TYR A 61 0.68 -16.56 -0.26
N HIS A 62 -0.11 -17.52 0.21
CA HIS A 62 -1.26 -18.02 -0.54
C HIS A 62 -0.79 -18.52 -1.90
N GLY A 63 0.50 -18.81 -1.99
CA GLY A 63 1.07 -19.30 -3.25
C GLY A 63 1.65 -18.26 -4.17
N TYR A 64 1.75 -17.00 -3.75
CA TYR A 64 2.31 -15.96 -4.60
C TYR A 64 3.74 -16.34 -4.96
N PRO A 65 4.06 -16.33 -6.27
CA PRO A 65 5.39 -16.70 -6.79
C PRO A 65 6.56 -15.74 -6.64
N LYS A 66 6.29 -14.46 -6.44
CA LYS A 66 7.38 -13.50 -6.33
C LYS A 66 7.56 -12.82 -4.97
N SER A 67 8.57 -11.97 -4.88
CA SER A 67 8.88 -11.28 -3.63
C SER A 67 8.12 -9.98 -3.42
N VAL A 68 7.78 -9.32 -4.52
CA VAL A 68 7.05 -8.07 -4.45
C VAL A 68 5.98 -8.08 -5.52
N CYS A 69 4.94 -7.25 -5.36
CA CYS A 69 3.87 -7.17 -6.35
C CYS A 69 4.14 -5.93 -7.18
N ILE A 70 4.07 -6.06 -8.50
CA ILE A 70 4.31 -4.92 -9.38
C ILE A 70 3.16 -4.83 -10.37
N SER A 71 2.40 -3.73 -10.28
CA SER A 71 1.22 -3.51 -11.11
C SER A 71 1.34 -2.26 -11.99
N ILE A 72 1.11 -2.44 -13.27
CA ILE A 72 1.21 -1.36 -14.24
C ILE A 72 -0.12 -0.94 -14.85
N ASN A 73 -0.32 0.38 -14.91
CA ASN A 73 -1.50 0.98 -15.52
C ASN A 73 -2.87 0.41 -15.16
N GLU A 74 -3.47 -0.39 -16.04
CA GLU A 74 -4.80 -0.95 -15.78
C GLU A 74 -4.81 -2.11 -14.78
N VAL A 75 -3.62 -2.62 -14.45
CA VAL A 75 -3.53 -3.70 -13.48
C VAL A 75 -3.77 -3.06 -12.13
N VAL A 76 -4.75 -3.57 -11.39
CA VAL A 76 -5.11 -3.02 -10.10
C VAL A 76 -4.19 -3.44 -8.95
N CYS A 77 -3.89 -4.72 -8.89
CA CYS A 77 -3.02 -5.24 -7.84
C CYS A 77 -2.55 -6.66 -8.16
N HIS A 78 -1.62 -7.14 -7.34
CA HIS A 78 -1.08 -8.48 -7.49
C HIS A 78 -0.41 -8.76 -8.83
N GLY A 79 0.10 -7.71 -9.47
CA GLY A 79 0.79 -7.93 -10.73
C GLY A 79 2.00 -8.79 -10.44
N ILE A 80 2.22 -9.84 -11.24
CA ILE A 80 3.36 -10.73 -11.02
C ILE A 80 4.59 -10.32 -11.82
N PRO A 81 5.71 -10.04 -11.14
CA PRO A 81 6.94 -9.66 -11.84
C PRO A 81 7.25 -10.66 -12.96
N ASP A 82 7.52 -10.14 -14.16
CA ASP A 82 7.80 -10.99 -15.31
C ASP A 82 9.01 -10.46 -16.06
N ASP A 83 9.92 -11.37 -16.42
CA ASP A 83 11.12 -11.01 -17.14
C ASP A 83 10.83 -10.40 -18.51
N ALA A 84 9.67 -10.71 -19.07
CA ALA A 84 9.30 -10.20 -20.38
C ALA A 84 8.36 -9.01 -20.36
N LYS A 85 8.21 -8.37 -19.21
CA LYS A 85 7.33 -7.20 -19.12
C LYS A 85 8.17 -5.95 -18.87
N LEU A 86 8.27 -5.10 -19.89
CA LEU A 86 9.07 -3.89 -19.79
C LEU A 86 8.26 -2.63 -19.54
N LEU A 87 8.78 -1.78 -18.65
CA LEU A 87 8.12 -0.51 -18.37
C LEU A 87 8.33 0.37 -19.59
N LYS A 88 7.36 1.25 -19.86
CA LYS A 88 7.45 2.13 -21.01
C LYS A 88 7.08 3.56 -20.60
N ASP A 89 7.50 4.52 -21.41
CA ASP A 89 7.25 5.93 -21.16
C ASP A 89 5.76 6.17 -20.91
N GLY A 90 5.44 6.97 -19.90
CA GLY A 90 4.05 7.27 -19.59
C GLY A 90 3.36 6.32 -18.62
N ASP A 91 3.97 5.16 -18.39
CA ASP A 91 3.43 4.14 -17.49
C ASP A 91 3.38 4.58 -16.02
N ILE A 92 2.37 4.11 -15.31
CA ILE A 92 2.28 4.37 -13.87
C ILE A 92 2.42 2.97 -13.28
N VAL A 93 3.29 2.83 -12.29
CA VAL A 93 3.55 1.53 -11.71
C VAL A 93 3.56 1.50 -10.20
N ASN A 94 2.88 0.52 -9.63
CA ASN A 94 2.87 0.36 -8.19
C ASN A 94 3.78 -0.79 -7.82
N ILE A 95 4.61 -0.58 -6.80
CA ILE A 95 5.46 -1.64 -6.31
C ILE A 95 5.05 -1.75 -4.86
N ASP A 96 4.58 -2.92 -4.48
CA ASP A 96 4.09 -3.17 -3.13
C ASP A 96 5.02 -4.13 -2.44
N VAL A 97 5.55 -3.71 -1.32
CA VAL A 97 6.51 -4.47 -0.54
C VAL A 97 6.01 -4.77 0.85
N THR A 98 6.34 -5.97 1.33
CA THR A 98 6.02 -6.36 2.69
C THR A 98 7.19 -7.20 3.14
N VAL A 99 7.88 -6.76 4.18
CA VAL A 99 9.02 -7.49 4.69
C VAL A 99 8.74 -7.96 6.12
N ILE A 100 9.44 -9.00 6.55
CA ILE A 100 9.31 -9.51 7.90
C ILE A 100 10.70 -9.40 8.52
N LYS A 101 10.77 -8.79 9.69
CA LYS A 101 12.02 -8.60 10.39
C LYS A 101 11.78 -8.85 11.86
N ASP A 102 12.55 -9.78 12.43
CA ASP A 102 12.42 -10.11 13.84
C ASP A 102 10.97 -10.44 14.20
N GLY A 103 10.30 -11.19 13.33
CA GLY A 103 8.93 -11.59 13.58
C GLY A 103 7.82 -10.63 13.20
N PHE A 104 8.14 -9.37 12.91
CA PHE A 104 7.10 -8.41 12.56
C PHE A 104 7.12 -7.91 11.11
N HIS A 105 5.94 -7.55 10.61
CA HIS A 105 5.77 -7.09 9.23
C HIS A 105 5.72 -5.58 9.02
N GLY A 106 6.26 -5.15 7.88
CA GLY A 106 6.26 -3.76 7.46
C GLY A 106 5.63 -3.83 6.08
N ASP A 107 4.55 -3.09 5.86
CA ASP A 107 3.79 -3.17 4.60
C ASP A 107 3.56 -1.79 3.97
N THR A 108 4.03 -1.59 2.74
CA THR A 108 3.86 -0.30 2.09
C THR A 108 4.04 -0.36 0.57
N SER A 109 3.41 0.57 -0.14
CA SER A 109 3.55 0.61 -1.59
C SER A 109 3.44 2.05 -2.05
N LYS A 110 3.86 2.28 -3.29
CA LYS A 110 3.79 3.62 -3.86
C LYS A 110 3.73 3.51 -5.36
N MET A 111 3.32 4.61 -5.98
CA MET A 111 3.25 4.70 -7.42
C MET A 111 4.51 5.40 -7.92
N PHE A 112 4.99 4.96 -9.08
CA PHE A 112 6.14 5.54 -9.75
C PHE A 112 5.66 5.87 -11.15
N ILE A 113 6.00 7.06 -11.64
CA ILE A 113 5.60 7.44 -12.99
C ILE A 113 6.84 7.21 -13.84
N VAL A 114 6.69 6.45 -14.93
CA VAL A 114 7.79 6.12 -15.81
C VAL A 114 7.96 7.09 -16.98
N GLY A 115 9.16 7.63 -17.12
CA GLY A 115 9.44 8.56 -18.20
C GLY A 115 8.60 9.83 -18.14
N LYS A 116 8.16 10.29 -19.31
CA LYS A 116 7.35 11.50 -19.37
C LYS A 116 5.97 11.19 -18.80
N PRO A 117 5.61 11.85 -17.70
CA PRO A 117 4.30 11.62 -17.10
C PRO A 117 3.14 12.15 -17.93
N THR A 118 1.99 11.49 -17.83
CA THR A 118 0.80 11.94 -18.53
C THR A 118 0.01 12.70 -17.48
N ILE A 119 -0.66 13.77 -17.89
CA ILE A 119 -1.44 14.58 -16.95
C ILE A 119 -2.45 13.75 -16.17
N MET A 120 -3.07 12.78 -16.87
CA MET A 120 -4.08 11.89 -16.29
C MET A 120 -3.45 10.94 -15.26
N GLY A 121 -2.35 10.31 -15.65
CA GLY A 121 -1.66 9.39 -14.79
C GLY A 121 -1.19 10.08 -13.52
N GLU A 122 -0.58 11.23 -13.73
CA GLU A 122 -0.05 12.01 -12.63
C GLU A 122 -1.15 12.46 -11.66
N ARG A 123 -2.33 12.73 -12.18
CA ARG A 123 -3.44 13.16 -11.35
C ARG A 123 -4.03 12.01 -10.56
N LEU A 124 -4.20 10.86 -11.20
CA LEU A 124 -4.75 9.69 -10.51
C LEU A 124 -3.85 9.32 -9.33
N CYS A 125 -2.55 9.33 -9.56
CA CYS A 125 -1.59 8.99 -8.51
C CYS A 125 -1.61 10.01 -7.37
N ARG A 126 -1.65 11.29 -7.72
CA ARG A 126 -1.67 12.35 -6.73
C ARG A 126 -2.93 12.25 -5.87
N ILE A 127 -4.07 12.10 -6.52
CA ILE A 127 -5.35 12.00 -5.81
C ILE A 127 -5.38 10.76 -4.92
N THR A 128 -4.83 9.67 -5.43
CA THR A 128 -4.81 8.43 -4.67
C THR A 128 -3.98 8.60 -3.40
N GLN A 129 -2.81 9.22 -3.55
CA GLN A 129 -1.95 9.44 -2.39
C GLN A 129 -2.66 10.39 -1.41
N GLU A 130 -3.34 11.39 -1.95
CA GLU A 130 -4.05 12.34 -1.10
C GLU A 130 -5.21 11.68 -0.34
N SER A 131 -5.83 10.68 -0.94
CA SER A 131 -6.92 9.98 -0.27
C SER A 131 -6.32 9.23 0.91
N LEU A 132 -5.10 8.75 0.74
CA LEU A 132 -4.41 8.02 1.81
C LEU A 132 -4.02 9.02 2.89
N TYR A 133 -3.53 10.18 2.48
CA TYR A 133 -3.11 11.21 3.43
C TYR A 133 -4.26 11.74 4.28
N LEU A 134 -5.39 12.06 3.66
CA LEU A 134 -6.52 12.58 4.43
C LEU A 134 -6.99 11.55 5.45
N ALA A 135 -6.86 10.28 5.09
CA ALA A 135 -7.27 9.20 5.99
C ALA A 135 -6.32 9.16 7.18
N LEU A 136 -5.03 9.29 6.91
CA LEU A 136 -4.02 9.26 7.96
C LEU A 136 -4.22 10.43 8.92
N ARG A 137 -4.65 11.57 8.39
CA ARG A 137 -4.87 12.75 9.22
C ARG A 137 -6.09 12.59 10.13
N MET A 138 -6.93 11.60 9.86
CA MET A 138 -8.12 11.37 10.68
C MET A 138 -7.87 10.36 11.80
N VAL A 139 -6.83 9.55 11.65
CA VAL A 139 -6.52 8.52 12.63
C VAL A 139 -6.17 8.99 14.04
N LYS A 140 -6.98 8.54 15.00
CA LYS A 140 -6.80 8.85 16.42
C LYS A 140 -7.80 8.03 17.23
N PRO A 141 -7.52 7.83 18.53
CA PRO A 141 -8.42 7.04 19.39
C PRO A 141 -9.83 7.64 19.44
N GLY A 142 -10.83 6.77 19.39
CA GLY A 142 -12.21 7.23 19.45
C GLY A 142 -12.94 7.25 18.12
N ILE A 143 -12.19 7.43 17.04
CA ILE A 143 -12.80 7.49 15.72
C ILE A 143 -13.09 6.08 15.18
N ASN A 144 -14.17 5.96 14.41
CA ASN A 144 -14.57 4.69 13.83
C ASN A 144 -13.99 4.55 12.42
N LEU A 145 -13.50 3.36 12.09
CA LEU A 145 -12.93 3.13 10.77
C LEU A 145 -13.93 3.43 9.67
N ARG A 146 -15.22 3.28 9.97
CA ARG A 146 -16.24 3.55 8.97
C ARG A 146 -16.15 5.00 8.53
N GLU A 147 -15.81 5.88 9.46
CA GLU A 147 -15.68 7.30 9.15
C GLU A 147 -14.56 7.52 8.15
N ILE A 148 -13.40 6.96 8.43
CA ILE A 148 -12.24 7.08 7.56
C ILE A 148 -12.54 6.52 6.18
N GLY A 149 -13.15 5.34 6.13
CA GLY A 149 -13.51 4.73 4.87
C GLY A 149 -14.47 5.61 4.07
N ALA A 150 -15.43 6.20 4.76
CA ALA A 150 -16.41 7.07 4.11
C ALA A 150 -15.73 8.31 3.53
N ALA A 151 -14.75 8.85 4.26
CA ALA A 151 -14.03 10.04 3.83
C ALA A 151 -13.17 9.79 2.61
N ILE A 152 -12.51 8.63 2.54
CA ILE A 152 -11.66 8.31 1.38
C ILE A 152 -12.52 8.27 0.13
N GLN A 153 -13.59 7.48 0.21
CA GLN A 153 -14.53 7.31 -0.89
C GLN A 153 -15.12 8.63 -1.38
N LYS A 154 -15.58 9.45 -0.43
CA LYS A 154 -16.16 10.73 -0.78
C LYS A 154 -15.16 11.59 -1.54
N PHE A 155 -13.93 11.63 -1.07
CA PHE A 155 -12.88 12.43 -1.73
C PHE A 155 -12.57 11.89 -3.12
N VAL A 156 -12.37 10.58 -3.21
CA VAL A 156 -12.06 9.93 -4.47
C VAL A 156 -13.16 10.11 -5.51
N GLU A 157 -14.39 9.80 -5.12
CA GLU A 157 -15.53 9.90 -6.03
C GLU A 157 -15.76 11.34 -6.49
N ALA A 158 -15.47 12.30 -5.62
CA ALA A 158 -15.65 13.71 -5.96
C ALA A 158 -14.72 14.05 -7.13
N GLU A 159 -13.64 13.28 -7.26
CA GLU A 159 -12.67 13.49 -8.33
C GLU A 159 -13.07 12.78 -9.60
N GLY A 160 -14.22 12.09 -9.55
CA GLY A 160 -14.68 11.37 -10.72
C GLY A 160 -14.04 9.99 -10.82
N PHE A 161 -13.39 9.56 -9.75
CA PHE A 161 -12.74 8.25 -9.73
C PHE A 161 -13.58 7.28 -8.91
N SER A 162 -13.11 6.04 -8.78
CA SER A 162 -13.84 5.03 -8.02
C SER A 162 -12.93 4.21 -7.11
N VAL A 163 -13.49 3.69 -6.02
CA VAL A 163 -12.74 2.90 -5.05
C VAL A 163 -13.00 1.41 -5.22
N VAL A 164 -11.93 0.63 -5.33
CA VAL A 164 -12.07 -0.81 -5.49
C VAL A 164 -12.58 -1.40 -4.17
N ARG A 165 -13.64 -2.19 -4.27
CA ARG A 165 -14.28 -2.78 -3.09
C ARG A 165 -13.72 -4.12 -2.63
N GLU A 166 -13.18 -4.92 -3.55
CA GLU A 166 -12.66 -6.24 -3.20
C GLU A 166 -11.47 -6.33 -2.25
N TYR A 167 -10.71 -5.25 -2.09
CA TYR A 167 -9.55 -5.30 -1.21
C TYR A 167 -9.55 -4.19 -0.18
N CYS A 168 -8.91 -4.45 0.96
CA CYS A 168 -8.89 -3.49 2.04
C CYS A 168 -7.61 -3.52 2.84
N GLY A 169 -7.45 -2.49 3.67
CA GLY A 169 -6.29 -2.40 4.54
C GLY A 169 -6.50 -3.44 5.61
N HIS A 170 -5.60 -3.54 6.58
CA HIS A 170 -5.76 -4.60 7.57
C HIS A 170 -4.85 -4.42 8.78
N GLY A 171 -5.23 -5.09 9.87
CA GLY A 171 -4.38 -5.04 11.06
C GLY A 171 -3.11 -5.73 10.64
N ILE A 172 -2.02 -5.49 11.34
CA ILE A 172 -0.74 -6.10 10.97
C ILE A 172 0.23 -6.16 12.17
N GLY A 173 1.10 -7.16 12.16
CA GLY A 173 2.06 -7.32 13.23
C GLY A 173 2.86 -8.59 13.02
N ARG A 174 2.68 -9.58 13.88
CA ARG A 174 3.38 -10.85 13.73
C ARG A 174 2.76 -11.56 12.54
N GLY A 175 1.55 -11.13 12.18
CA GLY A 175 0.85 -11.70 11.04
C GLY A 175 0.78 -10.67 9.94
N PHE A 176 0.77 -11.14 8.70
CA PHE A 176 0.70 -10.24 7.54
C PHE A 176 -0.67 -9.55 7.58
N HIS A 177 -1.73 -10.34 7.60
CA HIS A 177 -3.07 -9.78 7.64
C HIS A 177 -3.80 -10.18 8.92
N GLU A 178 -3.99 -9.23 9.83
CA GLU A 178 -4.70 -9.48 11.08
C GLU A 178 -5.94 -8.60 11.07
N GLU A 179 -6.76 -8.71 12.12
CA GLU A 179 -7.94 -7.88 12.22
C GLU A 179 -7.43 -6.52 12.70
N PRO A 180 -8.19 -5.45 12.42
CA PRO A 180 -9.47 -5.46 11.71
C PRO A 180 -9.29 -5.19 10.22
N GLN A 181 -10.39 -5.28 9.48
CA GLN A 181 -10.36 -4.98 8.05
C GLN A 181 -10.51 -3.48 7.97
N VAL A 182 -9.78 -2.86 7.04
CA VAL A 182 -9.84 -1.42 6.88
C VAL A 182 -10.41 -1.09 5.50
N LEU A 183 -11.73 -0.96 5.43
CA LEU A 183 -12.39 -0.65 4.17
C LEU A 183 -12.13 0.79 3.73
N HIS A 184 -12.00 1.00 2.42
CA HIS A 184 -11.74 2.32 1.89
C HIS A 184 -13.00 2.99 1.31
N TYR A 185 -14.15 2.53 1.80
CA TYR A 185 -15.43 3.08 1.36
C TYR A 185 -16.41 2.91 2.52
N ASP A 186 -17.56 3.55 2.41
CA ASP A 186 -18.57 3.49 3.45
C ASP A 186 -19.34 2.19 3.41
N SER A 187 -19.26 1.43 4.51
CA SER A 187 -19.96 0.17 4.61
C SER A 187 -20.74 0.09 5.92
N ARG A 188 -21.99 -0.35 5.83
CA ARG A 188 -22.85 -0.46 6.99
C ARG A 188 -22.38 -1.59 7.92
N GLU A 189 -21.39 -2.35 7.45
CA GLU A 189 -20.87 -3.46 8.24
C GLU A 189 -19.72 -3.01 9.14
N THR A 190 -19.05 -1.92 8.75
CA THR A 190 -17.92 -1.42 9.52
C THR A 190 -18.31 -0.74 10.83
N ASN A 191 -17.66 -1.17 11.91
CA ASN A 191 -17.88 -0.63 13.22
C ASN A 191 -16.67 -0.99 14.08
N VAL A 192 -15.60 -0.22 13.96
CA VAL A 192 -14.39 -0.46 14.73
C VAL A 192 -13.88 0.87 15.24
N VAL A 193 -13.81 1.00 16.56
CA VAL A 193 -13.34 2.22 17.21
C VAL A 193 -11.87 2.09 17.53
N LEU A 194 -11.06 3.00 16.98
CA LEU A 194 -9.62 2.96 17.18
C LEU A 194 -9.17 3.14 18.62
N LYS A 195 -8.06 2.48 18.94
CA LYS A 195 -7.49 2.53 20.29
C LYS A 195 -5.97 2.61 20.14
N PRO A 196 -5.30 3.27 21.10
CA PRO A 196 -3.83 3.38 21.03
C PRO A 196 -3.17 1.99 21.01
N GLY A 197 -2.09 1.87 20.24
CA GLY A 197 -1.40 0.59 20.17
C GLY A 197 -1.81 -0.30 19.01
N MET A 198 -2.90 0.04 18.35
CA MET A 198 -3.35 -0.74 17.19
C MET A 198 -2.45 -0.42 16.01
N THR A 199 -2.10 -1.46 15.25
CA THR A 199 -1.26 -1.26 14.08
C THR A 199 -1.96 -1.86 12.87
N PHE A 200 -2.13 -1.05 11.84
CA PHE A 200 -2.80 -1.52 10.64
C PHE A 200 -2.37 -0.70 9.44
N THR A 201 -2.88 -1.06 8.27
CA THR A 201 -2.55 -0.38 7.03
C THR A 201 -3.76 0.30 6.40
N ILE A 202 -3.47 1.26 5.54
CA ILE A 202 -4.50 1.96 4.78
C ILE A 202 -3.87 1.88 3.40
N GLU A 203 -4.63 1.38 2.42
CA GLU A 203 -4.09 1.15 1.09
C GLU A 203 -5.14 1.20 -0.01
N PRO A 204 -5.82 2.35 -0.15
CA PRO A 204 -6.85 2.49 -1.17
C PRO A 204 -6.39 2.20 -2.60
N MET A 205 -7.22 1.46 -3.34
CA MET A 205 -6.97 1.14 -4.73
C MET A 205 -7.99 2.01 -5.45
N VAL A 206 -7.52 2.92 -6.29
CA VAL A 206 -8.41 3.84 -6.98
C VAL A 206 -8.40 3.69 -8.51
N ASN A 207 -9.59 3.59 -9.09
CA ASN A 207 -9.73 3.44 -10.53
C ASN A 207 -10.13 4.75 -11.19
N ALA A 208 -9.55 5.04 -12.35
CA ALA A 208 -9.90 6.27 -13.06
C ALA A 208 -11.32 6.09 -13.59
N GLY A 209 -11.66 4.86 -13.95
CA GLY A 209 -12.98 4.57 -14.48
C GLY A 209 -13.91 3.90 -13.49
N LYS A 210 -14.55 2.81 -13.92
CA LYS A 210 -15.48 2.09 -13.07
C LYS A 210 -14.78 1.23 -12.03
N LYS A 211 -15.48 0.93 -10.94
CA LYS A 211 -14.89 0.16 -9.85
C LYS A 211 -14.73 -1.34 -10.11
N GLU A 212 -15.54 -1.89 -11.02
CA GLU A 212 -15.48 -3.32 -11.31
C GLU A 212 -14.11 -3.79 -11.83
N ILE A 213 -13.67 -4.94 -11.32
CA ILE A 213 -12.38 -5.49 -11.71
C ILE A 213 -12.54 -6.88 -12.33
N ARG A 214 -11.42 -7.43 -12.80
CA ARG A 214 -11.38 -8.76 -13.42
C ARG A 214 -10.05 -9.41 -13.06
N THR A 215 -10.09 -10.71 -12.80
CA THR A 215 -8.86 -11.43 -12.48
C THR A 215 -8.42 -12.18 -13.74
N MET A 216 -7.14 -12.10 -14.05
CA MET A 216 -6.61 -12.77 -15.23
C MET A 216 -6.54 -14.28 -15.01
N LYS A 217 -6.25 -15.02 -16.06
CA LYS A 217 -6.20 -16.47 -15.95
C LYS A 217 -4.92 -17.05 -15.34
N ASP A 218 -4.09 -16.18 -14.77
CA ASP A 218 -2.87 -16.64 -14.13
C ASP A 218 -3.18 -16.75 -12.64
N GLY A 219 -4.44 -16.53 -12.31
CA GLY A 219 -4.89 -16.63 -10.93
C GLY A 219 -4.44 -15.55 -9.98
N TRP A 220 -3.75 -14.52 -10.47
CA TRP A 220 -3.27 -13.45 -9.60
C TRP A 220 -3.53 -12.04 -10.10
N THR A 221 -3.06 -11.75 -11.31
CA THR A 221 -3.20 -10.42 -11.89
C THR A 221 -4.65 -9.93 -11.94
N VAL A 222 -4.88 -8.76 -11.35
CA VAL A 222 -6.19 -8.13 -11.31
C VAL A 222 -6.15 -6.87 -12.15
N LYS A 223 -7.15 -6.69 -13.01
CA LYS A 223 -7.23 -5.51 -13.86
C LYS A 223 -8.59 -4.87 -13.72
N THR A 224 -8.69 -3.61 -14.15
CA THR A 224 -9.96 -2.92 -14.11
C THR A 224 -10.81 -3.53 -15.21
N LYS A 225 -12.09 -3.77 -14.92
CA LYS A 225 -12.98 -4.37 -15.91
C LYS A 225 -12.99 -3.56 -17.20
N ASP A 226 -13.03 -2.23 -17.08
CA ASP A 226 -13.06 -1.35 -18.25
C ASP A 226 -11.66 -0.99 -18.75
N ARG A 227 -10.65 -1.57 -18.13
CA ARG A 227 -9.27 -1.34 -18.52
C ARG A 227 -8.81 0.11 -18.36
N SER A 228 -9.39 0.82 -17.40
CA SER A 228 -8.99 2.19 -17.13
C SER A 228 -7.80 2.11 -16.17
N LEU A 229 -7.12 3.23 -15.93
CA LEU A 229 -5.97 3.22 -15.01
C LEU A 229 -6.41 3.02 -13.57
N SER A 230 -5.50 2.47 -12.76
CA SER A 230 -5.78 2.22 -11.35
C SER A 230 -4.51 2.52 -10.55
N ALA A 231 -4.64 3.14 -9.40
CA ALA A 231 -3.47 3.45 -8.58
C ALA A 231 -3.73 3.08 -7.13
N GLN A 232 -2.64 2.89 -6.39
CA GLN A 232 -2.67 2.55 -4.99
C GLN A 232 -1.41 3.04 -4.26
N TYR A 233 -1.60 3.44 -3.00
CA TYR A 233 -0.51 3.86 -2.13
C TYR A 233 -0.85 3.21 -0.80
N GLU A 234 0.17 2.81 -0.06
CA GLU A 234 -0.07 2.17 1.23
C GLU A 234 0.98 2.51 2.28
N HIS A 235 0.53 2.58 3.52
CA HIS A 235 1.41 2.84 4.66
C HIS A 235 0.92 2.02 5.82
N THR A 236 1.86 1.66 6.70
CA THR A 236 1.57 0.92 7.90
C THR A 236 1.67 1.97 9.01
N ILE A 237 0.72 1.94 9.94
CA ILE A 237 0.74 2.92 11.01
C ILE A 237 0.46 2.32 12.37
N VAL A 238 0.69 3.11 13.41
CA VAL A 238 0.41 2.69 14.77
C VAL A 238 -0.39 3.85 15.37
N VAL A 239 -1.53 3.53 16.00
CA VAL A 239 -2.34 4.57 16.61
C VAL A 239 -1.66 5.01 17.90
N THR A 240 -1.58 6.32 18.11
CA THR A 240 -0.97 6.87 19.32
C THR A 240 -2.08 7.44 20.19
N ASP A 241 -1.73 8.03 21.33
CA ASP A 241 -2.73 8.58 22.23
C ASP A 241 -3.51 9.78 21.67
N ASN A 242 -2.93 10.48 20.71
CA ASN A 242 -3.56 11.66 20.14
C ASN A 242 -3.56 11.68 18.62
N GLY A 243 -3.22 10.57 18.00
CA GLY A 243 -3.17 10.52 16.55
C GLY A 243 -2.53 9.24 16.07
N CYS A 244 -1.43 9.37 15.33
CA CYS A 244 -0.75 8.18 14.81
C CYS A 244 0.66 8.47 14.33
N GLU A 245 1.41 7.40 14.14
CA GLU A 245 2.77 7.48 13.64
C GLU A 245 2.87 6.57 12.43
N ILE A 246 3.35 7.11 11.31
CA ILE A 246 3.51 6.32 10.10
C ILE A 246 4.85 5.60 10.21
N LEU A 247 4.83 4.28 10.19
CA LEU A 247 6.04 3.49 10.33
C LEU A 247 6.78 3.23 9.02
N THR A 248 6.11 3.49 7.91
CA THR A 248 6.72 3.26 6.61
C THR A 248 6.94 4.54 5.81
N LEU A 249 7.18 5.66 6.49
CA LEU A 249 7.39 6.92 5.81
C LEU A 249 8.66 6.93 4.95
N ARG A 250 8.59 7.60 3.80
CA ARG A 250 9.74 7.69 2.92
C ARG A 250 10.13 9.15 2.82
N LYS A 251 11.33 9.40 2.29
CA LYS A 251 11.77 10.77 2.15
C LYS A 251 10.93 11.56 1.17
N ASP A 252 10.30 10.89 0.23
CA ASP A 252 9.49 11.61 -0.74
C ASP A 252 8.06 11.83 -0.28
N ASP A 253 7.73 11.31 0.89
CA ASP A 253 6.38 11.51 1.42
C ASP A 253 6.24 12.98 1.79
N THR A 254 5.08 13.56 1.52
CA THR A 254 4.84 14.95 1.85
C THR A 254 3.87 15.07 3.01
N ILE A 255 4.10 14.23 4.02
CA ILE A 255 3.30 14.20 5.23
C ILE A 255 4.24 13.77 6.36
N PRO A 256 4.11 14.39 7.55
CA PRO A 256 4.95 14.10 8.72
C PRO A 256 4.80 12.68 9.24
N ALA A 257 5.89 12.16 9.80
CA ALA A 257 5.90 10.82 10.36
C ALA A 257 4.91 10.73 11.51
N ILE A 258 4.95 11.74 12.39
CA ILE A 258 4.06 11.76 13.53
C ILE A 258 2.97 12.81 13.34
N ILE A 259 1.72 12.36 13.41
CA ILE A 259 0.57 13.23 13.24
C ILE A 259 -0.12 13.44 14.59
N SER A 260 -0.02 14.66 15.09
CA SER A 260 -0.59 15.05 16.39
C SER A 260 -1.92 15.78 16.28
N HIS A 261 -2.82 15.50 17.20
CA HIS A 261 -4.12 16.16 17.23
C HIS A 261 -4.34 16.86 18.56
N ASP A 262 -3.33 16.82 19.42
CA ASP A 262 -3.42 17.50 20.70
C ASP A 262 -3.67 18.96 20.36
MN MN B . -1.43 -4.40 2.96
MN MN C . 1.17 -4.08 0.56
NA NA D . -2.33 0.20 -11.93
OAN B23 E . -0.75 -5.02 0.82
CAE B23 E . -1.25 -6.13 1.06
OAO B23 E . -1.95 -6.39 2.07
CAA B23 E . -1.02 -7.28 0.08
OAM B23 E . -1.48 -8.55 0.28
CAC B23 E . -0.35 -7.21 -1.07
CAD B23 E . -0.38 -8.43 -1.62
CAB B23 E . -1.05 -9.25 -0.82
CAF B23 E . -1.42 -10.58 -1.00
CAG B23 E . -2.66 -10.97 -0.51
CAJ B23 E . -3.13 -12.26 -0.72
CAI B23 E . -2.35 -13.17 -1.43
CAK B23 E . -1.10 -12.78 -1.91
CAH B23 E . -0.63 -11.49 -1.69
NAL B23 E . 0.63 -11.24 -2.05
OAQ B23 E . 1.29 -10.03 -1.66
OAP B23 E . 1.36 -12.22 -2.76
#